data_4Y13
#
_entry.id   4Y13
#
_cell.length_a   129.857
_cell.length_b   129.857
_cell.length_c   125.680
_cell.angle_alpha   90.00
_cell.angle_beta   90.00
_cell.angle_gamma   120.00
#
_symmetry.space_group_name_H-M   'P 65 2 2'
#
loop_
_entity.id
_entity.type
_entity.pdbx_description
1 polymer 'Transcriptional regulator of ftsQAZ gene cluster'
2 non-polymer 'SULFATE ION'
3 non-polymer '(2S)-2,3-dihydroxypropyl octanoate'
4 non-polymer GLYCEROL
5 water water
#
_entity_poly.entity_id   1
_entity_poly.type   'polypeptide(L)'
_entity_poly.pdbx_seq_one_letter_code
;(MSE)QDTDFFSWRRT(MSE)LLRFQR(MSE)ETAEEVYHEIELQAQQLEYDYYSLCVRHPVPFTRPKVAFYTNYPEAWV
SYYQAKNFLAIDPVLNPENFSQGHL(MSE)WNDDLFNEAQPLWEAARAHGLRRGVTQYL(MSE)LPNRALGFLSFSRCSA
REIPILSDELQLK(MSE)QLLVRESL(MSE)AL(MSE)RLNDEIV(MSE)TPE(MSE)NFSKREKEILRWTAEGKTSAEI
A(MSE)ILSISENTVNFHQKN(MSE)QKKINAPNKTQVACYAAATGLIHHHHHH
;
_entity_poly.pdbx_strand_id   A
#
loop_
_chem_comp.id
_chem_comp.type
_chem_comp.name
_chem_comp.formula
480 non-polymer '(2S)-2,3-dihydroxypropyl octanoate' 'C11 H22 O4'
GOL non-polymer GLYCEROL 'C3 H8 O3'
SO4 non-polymer 'SULFATE ION' 'O4 S -2'
#
# COMPACT_ATOMS: atom_id res chain seq x y z
N MSE A 1 19.02 23.23 -11.41
CA MSE A 1 18.78 22.94 -12.85
C MSE A 1 17.29 22.82 -13.15
O MSE A 1 16.54 22.24 -12.36
CB MSE A 1 19.49 21.65 -13.24
HA MSE A 1 19.14 23.67 -13.38
N GLN A 2 16.86 23.36 -14.28
CA GLN A 2 15.46 23.29 -14.71
C GLN A 2 15.36 23.07 -16.21
N ASP A 3 14.37 22.28 -16.61
CA ASP A 3 14.10 21.98 -18.02
C ASP A 3 12.72 21.34 -18.13
N THR A 4 11.77 22.06 -18.73
CA THR A 4 10.34 21.78 -18.53
C THR A 4 9.55 21.27 -19.73
N ASP A 5 9.37 19.95 -19.76
CA ASP A 5 8.21 19.34 -20.41
C ASP A 5 7.66 18.32 -19.42
N PHE A 6 8.57 17.70 -18.66
CA PHE A 6 8.19 16.82 -17.57
C PHE A 6 7.50 17.59 -16.44
N PHE A 7 8.00 18.78 -16.16
CA PHE A 7 7.39 19.64 -15.14
C PHE A 7 5.92 19.90 -15.50
N SER A 8 5.64 19.97 -16.80
CA SER A 8 4.29 20.19 -17.29
C SER A 8 3.50 18.89 -17.26
N TRP A 9 4.19 17.78 -17.50
CA TRP A 9 3.59 16.45 -17.38
C TRP A 9 3.16 16.24 -15.92
N ARG A 10 4.04 16.63 -15.01
CA ARG A 10 3.77 16.54 -13.58
C ARG A 10 2.50 17.31 -13.24
N ARG A 11 2.46 18.58 -13.60
CA ARG A 11 1.34 19.46 -13.30
C ARG A 11 0.03 18.89 -13.83
N THR A 12 0.05 18.38 -15.05
CA THR A 12 -1.14 17.85 -15.68
C THR A 12 -1.69 16.62 -14.95
N MSE A 13 -0.80 15.76 -14.50
CA MSE A 13 -1.22 14.51 -13.87
C MSE A 13 -1.69 14.73 -12.44
O MSE A 13 -2.56 13.99 -11.96
CB MSE A 13 -0.07 13.49 -13.89
CG MSE A 13 0.30 13.00 -15.28
SE MSE A 13 -1.14 12.08 -16.21
CE MSE A 13 -1.38 10.57 -15.01
H MSE A 13 0.05 15.86 -14.55
HA MSE A 13 -1.95 14.13 -14.39
HB2 MSE A 13 0.72 13.91 -13.49
HB3 MSE A 13 -0.33 12.72 -13.36
HG2 MSE A 13 0.57 13.76 -15.82
HG3 MSE A 13 1.04 12.38 -15.20
HE1 MSE A 13 -2.10 10.00 -15.35
HE2 MSE A 13 -0.55 10.07 -14.96
HE3 MSE A 13 -1.62 10.91 -14.13
N LEU A 14 -1.12 15.72 -11.77
CA LEU A 14 -1.57 16.06 -10.42
C LEU A 14 -3.03 16.48 -10.44
N LEU A 15 -3.36 17.40 -11.34
CA LEU A 15 -4.74 17.87 -11.49
C LEU A 15 -5.69 16.72 -11.85
N ARG A 16 -5.28 15.92 -12.83
CA ARG A 16 -6.12 14.84 -13.35
C ARG A 16 -6.50 13.84 -12.27
N PHE A 17 -5.55 13.52 -11.40
CA PHE A 17 -5.80 12.57 -10.31
C PHE A 17 -6.67 13.20 -9.23
N GLN A 18 -6.51 14.50 -9.03
CA GLN A 18 -7.26 15.21 -8.00
C GLN A 18 -8.74 15.36 -8.39
N ARG A 19 -9.00 15.52 -9.68
CA ARG A 19 -10.36 15.76 -10.16
C ARG A 19 -11.10 14.45 -10.50
N MSE A 20 -10.60 13.33 -9.99
CA MSE A 20 -11.25 12.04 -10.23
C MSE A 20 -12.39 11.83 -9.25
O MSE A 20 -12.62 12.65 -8.37
CB MSE A 20 -10.25 10.90 -10.14
CG MSE A 20 -9.15 10.97 -11.18
SE MSE A 20 -8.38 9.25 -11.64
CE MSE A 20 -7.02 9.86 -12.89
H MSE A 20 -9.89 13.28 -9.50
HA MSE A 20 -11.61 12.04 -11.13
HB2 MSE A 20 -9.84 10.91 -9.26
HB3 MSE A 20 -10.72 10.05 -10.27
HG2 MSE A 20 -9.51 11.37 -11.98
HG3 MSE A 20 -8.44 11.53 -10.83
HE1 MSE A 20 -6.53 9.10 -13.23
HE2 MSE A 20 -7.46 10.32 -13.62
HE3 MSE A 20 -6.42 10.47 -12.44
N GLU A 21 -13.09 10.70 -9.41
CA GLU A 21 -14.40 10.53 -8.79
C GLU A 21 -14.71 9.07 -8.44
N THR A 22 -14.10 8.15 -9.18
CA THR A 22 -14.36 6.72 -9.00
C THR A 22 -13.06 5.92 -8.97
N ALA A 23 -13.08 4.79 -8.26
CA ALA A 23 -11.93 3.92 -8.21
C ALA A 23 -11.68 3.27 -9.57
N GLU A 24 -12.73 3.23 -10.39
CA GLU A 24 -12.62 2.68 -11.74
C GLU A 24 -11.86 3.66 -12.64
N GLU A 25 -12.02 4.95 -12.37
CA GLU A 25 -11.29 5.97 -13.12
C GLU A 25 -9.80 5.86 -12.86
N VAL A 26 -9.44 5.56 -11.61
CA VAL A 26 -8.04 5.43 -11.21
C VAL A 26 -7.39 4.26 -11.94
N TYR A 27 -7.96 3.07 -11.77
CA TYR A 27 -7.48 1.87 -12.45
C TYR A 27 -7.31 2.12 -13.95
N HIS A 28 -8.26 2.86 -14.53
CA HIS A 28 -8.26 3.11 -15.95
C HIS A 28 -7.10 4.01 -16.37
N GLU A 29 -6.77 5.01 -15.55
CA GLU A 29 -5.71 5.95 -15.88
C GLU A 29 -4.34 5.30 -15.75
N ILE A 30 -4.18 4.39 -14.80
CA ILE A 30 -2.94 3.64 -14.67
C ILE A 30 -2.77 2.75 -15.90
N GLU A 31 -3.83 2.03 -16.25
CA GLU A 31 -3.83 1.19 -17.44
C GLU A 31 -3.41 2.00 -18.65
N LEU A 32 -3.83 3.25 -18.67
CA LEU A 32 -3.51 4.15 -19.78
C LEU A 32 -2.03 4.52 -19.74
N GLN A 33 -1.57 5.01 -18.60
CA GLN A 33 -0.21 5.51 -18.46
C GLN A 33 0.84 4.41 -18.66
N ALA A 34 0.46 3.17 -18.35
CA ALA A 34 1.36 2.05 -18.57
C ALA A 34 1.53 1.84 -20.07
N GLN A 35 0.43 1.95 -20.80
CA GLN A 35 0.44 1.79 -22.24
C GLN A 35 1.18 2.95 -22.90
N GLN A 36 1.19 4.10 -22.24
CA GLN A 36 1.93 5.26 -22.73
C GLN A 36 3.43 5.02 -22.64
N LEU A 37 3.82 4.13 -21.73
CA LEU A 37 5.21 3.74 -21.56
C LEU A 37 5.47 2.38 -22.18
N GLU A 38 4.57 1.98 -23.08
CA GLU A 38 4.69 0.74 -23.83
C GLU A 38 4.78 -0.49 -22.90
N TYR A 39 3.94 -0.47 -21.87
CA TYR A 39 3.72 -1.64 -21.02
C TYR A 39 2.28 -2.10 -21.19
N ASP A 40 2.09 -3.40 -21.34
CA ASP A 40 0.77 -3.95 -21.65
C ASP A 40 -0.11 -4.04 -20.41
N TYR A 41 0.36 -4.75 -19.39
CA TYR A 41 -0.36 -4.90 -18.14
C TYR A 41 0.23 -4.02 -17.04
N TYR A 42 -0.60 -3.69 -16.06
CA TYR A 42 -0.14 -3.00 -14.85
C TYR A 42 -0.41 -3.92 -13.66
N SER A 43 -0.30 -3.38 -12.45
CA SER A 43 -0.67 -4.07 -11.22
C SER A 43 -0.46 -3.15 -10.02
N LEU A 44 -1.40 -3.21 -9.08
CA LEU A 44 -1.34 -2.34 -7.90
C LEU A 44 -1.65 -3.14 -6.64
N CYS A 45 -0.60 -3.60 -5.97
CA CYS A 45 -0.72 -4.35 -4.72
C CYS A 45 -0.50 -3.43 -3.53
N VAL A 46 -1.13 -3.76 -2.40
CA VAL A 46 -0.99 -2.97 -1.17
C VAL A 46 -0.86 -3.87 0.05
N ARG A 47 0.35 -3.92 0.60
CA ARG A 47 0.60 -4.64 1.84
C ARG A 47 0.11 -3.82 3.03
N HIS A 48 -0.87 -4.33 3.75
CA HIS A 48 -1.37 -3.67 4.94
C HIS A 48 -0.48 -3.99 6.14
N PRO A 49 -0.38 -3.06 7.10
CA PRO A 49 0.41 -3.33 8.31
C PRO A 49 -0.25 -4.35 9.22
N VAL A 50 -1.58 -4.45 9.15
CA VAL A 50 -2.34 -5.37 9.99
C VAL A 50 -3.25 -6.24 9.14
N PRO A 51 -3.52 -7.48 9.58
CA PRO A 51 -3.03 -8.12 10.81
C PRO A 51 -1.53 -8.42 10.78
N PHE A 52 -0.92 -8.51 11.96
CA PHE A 52 0.51 -8.69 12.08
C PHE A 52 1.00 -10.06 11.61
N THR A 53 0.14 -11.07 11.77
CA THR A 53 0.54 -12.46 11.53
C THR A 53 0.19 -12.95 10.12
N ARG A 54 -0.91 -12.44 9.59
CA ARG A 54 -1.37 -12.82 8.25
C ARG A 54 -1.69 -11.57 7.43
N PRO A 55 -0.66 -10.76 7.14
CA PRO A 55 -0.84 -9.42 6.56
C PRO A 55 -1.77 -9.40 5.34
N LYS A 56 -2.83 -8.60 5.44
CA LYS A 56 -3.77 -8.43 4.33
C LYS A 56 -3.05 -7.85 3.12
N VAL A 57 -3.22 -8.51 1.98
CA VAL A 57 -2.62 -8.04 0.73
C VAL A 57 -3.73 -7.89 -0.32
N ALA A 58 -4.32 -6.70 -0.35
CA ALA A 58 -5.34 -6.37 -1.33
C ALA A 58 -4.67 -5.86 -2.60
N PHE A 59 -5.35 -6.04 -3.73
CA PHE A 59 -4.80 -5.63 -5.01
C PHE A 59 -5.88 -5.54 -6.06
N TYR A 60 -5.61 -4.80 -7.13
CA TYR A 60 -6.40 -4.90 -8.34
C TYR A 60 -5.55 -4.68 -9.58
N THR A 61 -5.80 -5.50 -10.60
CA THR A 61 -4.93 -5.60 -11.75
C THR A 61 -5.69 -6.00 -13.01
N ASN A 62 -5.15 -5.61 -14.16
CA ASN A 62 -5.68 -6.07 -15.44
C ASN A 62 -4.84 -7.21 -16.01
N TYR A 63 -4.25 -8.00 -15.12
CA TYR A 63 -3.43 -9.12 -15.55
C TYR A 63 -4.33 -10.19 -16.14
N PRO A 64 -3.76 -11.11 -16.93
CA PRO A 64 -4.54 -12.27 -17.33
C PRO A 64 -5.11 -12.98 -16.10
N GLU A 65 -6.43 -13.10 -16.06
CA GLU A 65 -7.13 -13.73 -14.94
C GLU A 65 -6.52 -15.08 -14.57
N ALA A 66 -6.06 -15.80 -15.59
CA ALA A 66 -5.44 -17.11 -15.39
C ALA A 66 -4.18 -16.99 -14.55
N TRP A 67 -3.45 -15.90 -14.74
CA TRP A 67 -2.20 -15.69 -14.00
C TRP A 67 -2.47 -15.28 -12.56
N VAL A 68 -3.46 -14.43 -12.35
CA VAL A 68 -3.82 -14.00 -11.00
C VAL A 68 -4.21 -15.22 -10.16
N SER A 69 -4.90 -16.17 -10.78
CA SER A 69 -5.34 -17.38 -10.09
C SER A 69 -4.18 -18.31 -9.81
N TYR A 70 -3.26 -18.43 -10.77
CA TYR A 70 -2.11 -19.32 -10.64
C TYR A 70 -1.15 -18.78 -9.58
N TYR A 71 -0.93 -17.47 -9.60
CA TYR A 71 -0.04 -16.81 -8.65
C TYR A 71 -0.51 -17.04 -7.21
N GLN A 72 -1.82 -16.99 -7.01
CA GLN A 72 -2.40 -17.23 -5.69
C GLN A 72 -2.38 -18.71 -5.34
N ALA A 73 -2.57 -19.56 -6.35
CA ALA A 73 -2.64 -21.01 -6.13
C ALA A 73 -1.35 -21.55 -5.54
N LYS A 74 -0.22 -21.18 -6.14
CA LYS A 74 1.08 -21.67 -5.68
C LYS A 74 1.70 -20.70 -4.68
N ASN A 75 0.90 -19.76 -4.19
CA ASN A 75 1.32 -18.73 -3.25
C ASN A 75 2.73 -18.19 -3.51
N PHE A 76 2.89 -17.46 -4.61
CA PHE A 76 4.19 -16.89 -4.96
C PHE A 76 4.49 -15.61 -4.18
N LEU A 77 3.49 -15.07 -3.50
CA LEU A 77 3.69 -13.88 -2.68
C LEU A 77 4.82 -14.08 -1.69
N ALA A 78 4.89 -15.28 -1.12
CA ALA A 78 5.86 -15.60 -0.09
C ALA A 78 7.29 -15.53 -0.60
N ILE A 79 7.47 -15.50 -1.92
CA ILE A 79 8.80 -15.50 -2.53
C ILE A 79 8.96 -14.41 -3.59
N ASP A 80 7.94 -13.59 -3.77
CA ASP A 80 7.96 -12.58 -4.83
C ASP A 80 8.97 -11.47 -4.54
N PRO A 81 10.01 -11.34 -5.39
CA PRO A 81 11.01 -10.28 -5.17
C PRO A 81 10.45 -8.86 -5.27
N VAL A 82 9.59 -8.62 -6.24
CA VAL A 82 9.16 -7.25 -6.56
C VAL A 82 8.20 -6.66 -5.51
N LEU A 83 7.83 -7.47 -4.53
CA LEU A 83 7.00 -7.01 -3.42
C LEU A 83 7.78 -7.07 -2.11
N ASN A 84 9.09 -6.86 -2.22
CA ASN A 84 10.00 -6.86 -1.07
C ASN A 84 10.85 -5.59 -1.09
N PRO A 85 10.51 -4.60 -0.23
CA PRO A 85 11.17 -3.28 -0.26
C PRO A 85 12.69 -3.31 -0.15
N GLU A 86 13.25 -4.40 0.36
CA GLU A 86 14.69 -4.52 0.51
C GLU A 86 15.41 -4.49 -0.84
N ASN A 87 14.70 -4.89 -1.90
CA ASN A 87 15.27 -4.96 -3.24
C ASN A 87 15.22 -3.63 -3.99
N PHE A 88 14.63 -2.61 -3.37
CA PHE A 88 14.39 -1.33 -4.03
C PHE A 88 15.47 -0.30 -3.75
N SER A 89 15.76 0.51 -4.77
CA SER A 89 16.61 1.68 -4.63
C SER A 89 15.83 2.89 -5.14
N GLN A 90 15.72 3.92 -4.31
CA GLN A 90 14.92 5.10 -4.64
C GLN A 90 13.46 4.74 -4.84
N GLY A 91 13.03 3.65 -4.20
CA GLY A 91 11.66 3.19 -4.35
C GLY A 91 11.40 2.63 -5.74
N HIS A 92 12.48 2.36 -6.47
CA HIS A 92 12.38 1.86 -7.84
C HIS A 92 13.09 0.51 -7.95
N LEU A 93 12.51 -0.40 -8.73
CA LEU A 93 13.08 -1.73 -8.93
C LEU A 93 12.83 -2.25 -10.34
N MSE A 94 13.90 -2.38 -11.10
CA MSE A 94 13.83 -2.94 -12.44
C MSE A 94 13.84 -4.46 -12.38
O MSE A 94 14.55 -5.05 -11.58
CB MSE A 94 15.01 -2.44 -13.28
CG MSE A 94 14.96 -2.85 -14.74
SE MSE A 94 13.53 -1.97 -15.71
CE MSE A 94 14.12 -0.12 -15.48
H MSE A 94 14.69 -2.16 -10.86
HA MSE A 94 13.02 -2.64 -12.86
HB2 MSE A 94 15.03 -1.48 -13.26
HB3 MSE A 94 15.83 -2.80 -12.90
HG2 MSE A 94 15.80 -2.63 -15.17
HG3 MSE A 94 14.81 -3.81 -14.79
HE1 MSE A 94 13.49 0.47 -15.92
HE2 MSE A 94 14.15 0.09 -14.54
HE3 MSE A 94 14.99 -0.02 -15.88
N TRP A 95 13.04 -5.10 -13.24
CA TRP A 95 12.99 -6.55 -13.30
C TRP A 95 14.15 -7.12 -14.11
N ASN A 96 14.92 -8.01 -13.51
CA ASN A 96 15.94 -8.77 -14.23
C ASN A 96 15.97 -10.21 -13.72
N ASP A 97 16.73 -11.06 -14.39
CA ASP A 97 16.72 -12.47 -14.08
C ASP A 97 17.37 -12.78 -12.73
N ASP A 98 18.49 -12.11 -12.45
CA ASP A 98 19.24 -12.36 -11.21
C ASP A 98 18.40 -12.07 -9.97
N LEU A 99 17.34 -11.30 -10.13
CA LEU A 99 16.47 -10.94 -9.04
C LEU A 99 15.61 -12.12 -8.56
N PHE A 100 15.42 -13.10 -9.44
CA PHE A 100 14.51 -14.21 -9.17
C PHE A 100 15.24 -15.53 -8.91
N ASN A 101 16.54 -15.46 -8.61
CA ASN A 101 17.31 -16.68 -8.39
C ASN A 101 16.78 -17.49 -7.20
N GLU A 102 16.23 -16.80 -6.21
CA GLU A 102 15.65 -17.47 -5.03
C GLU A 102 14.19 -17.85 -5.24
N ALA A 103 13.59 -17.31 -6.30
CA ALA A 103 12.18 -17.58 -6.61
C ALA A 103 12.04 -18.03 -8.06
N GLN A 104 12.75 -19.08 -8.41
CA GLN A 104 12.78 -19.57 -9.79
C GLN A 104 11.43 -20.06 -10.31
N PRO A 105 10.61 -20.73 -9.47
CA PRO A 105 9.34 -21.20 -10.04
C PRO A 105 8.39 -20.05 -10.41
N LEU A 106 8.45 -18.96 -9.66
CA LEU A 106 7.69 -17.77 -9.99
C LEU A 106 8.16 -17.17 -11.31
N TRP A 107 9.48 -17.16 -11.49
CA TRP A 107 10.10 -16.58 -12.67
C TRP A 107 9.66 -17.28 -13.94
N GLU A 108 9.57 -18.60 -13.90
CA GLU A 108 9.19 -19.39 -15.05
C GLU A 108 7.67 -19.34 -15.26
N ALA A 109 6.94 -19.40 -14.16
CA ALA A 109 5.48 -19.36 -14.21
C ALA A 109 5.00 -18.04 -14.81
N ALA A 110 5.66 -16.95 -14.45
CA ALA A 110 5.30 -15.63 -14.94
C ALA A 110 5.56 -15.52 -16.44
N ARG A 111 6.64 -16.15 -16.90
CA ARG A 111 6.96 -16.16 -18.33
C ARG A 111 5.96 -17.01 -19.10
N ALA A 112 5.49 -18.08 -18.46
CA ALA A 112 4.54 -18.99 -19.10
C ALA A 112 3.17 -18.34 -19.26
N HIS A 113 2.97 -17.19 -18.61
CA HIS A 113 1.70 -16.46 -18.70
C HIS A 113 1.86 -15.13 -19.42
N GLY A 114 3.02 -14.93 -20.05
CA GLY A 114 3.24 -13.78 -20.91
C GLY A 114 3.85 -12.55 -20.25
N LEU A 115 4.35 -12.71 -19.03
CA LEU A 115 5.04 -11.62 -18.34
C LEU A 115 6.55 -11.83 -18.46
N ARG A 116 7.16 -11.18 -19.44
CA ARG A 116 8.56 -11.40 -19.75
C ARG A 116 9.46 -10.24 -19.29
N ARG A 117 8.90 -9.03 -19.32
CA ARG A 117 9.61 -7.84 -18.82
C ARG A 117 8.70 -7.08 -17.88
N GLY A 118 9.30 -6.25 -17.03
CA GLY A 118 8.53 -5.43 -16.12
C GLY A 118 9.36 -4.49 -15.28
N VAL A 119 8.72 -3.94 -14.24
CA VAL A 119 9.32 -2.90 -13.40
C VAL A 119 8.32 -2.60 -12.29
N THR A 120 8.83 -2.16 -11.14
CA THR A 120 7.96 -1.83 -10.01
C THR A 120 8.45 -0.60 -9.26
N GLN A 121 7.51 0.27 -8.91
CA GLN A 121 7.76 1.42 -8.06
C GLN A 121 6.95 1.22 -6.79
N TYR A 122 7.48 1.66 -5.64
CA TYR A 122 6.78 1.45 -4.37
C TYR A 122 6.84 2.67 -3.46
N LEU A 123 5.95 2.70 -2.49
CA LEU A 123 5.79 3.84 -1.59
C LEU A 123 5.03 3.41 -0.35
N MSE A 124 5.44 3.93 0.81
CA MSE A 124 4.71 3.69 2.05
C MSE A 124 3.69 4.80 2.25
O MSE A 124 4.01 5.98 2.09
CB MSE A 124 5.65 3.61 3.24
CG MSE A 124 4.96 3.18 4.52
SE MSE A 124 6.09 3.39 6.08
CE MSE A 124 7.49 2.10 5.62
H MSE A 124 6.14 4.42 0.90
HA MSE A 124 4.24 2.85 1.97
HB2 MSE A 124 6.35 2.96 3.05
HB3 MSE A 124 6.04 4.48 3.39
HG2 MSE A 124 4.17 3.73 4.64
HG3 MSE A 124 4.72 2.25 4.44
HE1 MSE A 124 8.15 2.09 6.33
HE2 MSE A 124 7.08 1.22 5.53
HE3 MSE A 124 7.90 2.37 4.78
N LEU A 125 2.48 4.42 2.61
CA LEU A 125 1.37 5.35 2.76
C LEU A 125 1.25 5.83 4.22
N PRO A 126 0.53 6.95 4.43
CA PRO A 126 0.34 7.51 5.79
C PRO A 126 -0.18 6.52 6.82
N ASN A 127 -0.91 5.49 6.39
CA ASN A 127 -1.36 4.43 7.29
C ASN A 127 -0.36 3.28 7.36
N ARG A 128 0.90 3.60 7.07
CA ARG A 128 2.01 2.65 7.12
C ARG A 128 1.83 1.44 6.18
N ALA A 129 0.95 1.59 5.19
CA ALA A 129 0.75 0.54 4.20
C ALA A 129 1.71 0.72 3.02
N LEU A 130 2.25 -0.39 2.52
CA LEU A 130 3.18 -0.35 1.41
C LEU A 130 2.47 -0.59 0.08
N GLY A 131 2.52 0.40 -0.79
CA GLY A 131 1.87 0.32 -2.10
C GLY A 131 2.88 0.03 -3.19
N PHE A 132 2.58 -1.00 -4.00
CA PHE A 132 3.46 -1.42 -5.08
C PHE A 132 2.79 -1.31 -6.44
N LEU A 133 3.33 -0.47 -7.30
CA LEU A 133 2.83 -0.30 -8.66
C LEU A 133 3.76 -0.97 -9.67
N SER A 134 3.27 -2.05 -10.30
CA SER A 134 4.08 -2.83 -11.23
C SER A 134 3.56 -2.75 -12.66
N PHE A 135 4.47 -2.48 -13.59
CA PHE A 135 4.17 -2.53 -15.03
C PHE A 135 4.83 -3.76 -15.63
N SER A 136 4.20 -4.36 -16.63
CA SER A 136 4.73 -5.54 -17.27
C SER A 136 4.29 -5.62 -18.73
N ARG A 137 5.21 -6.07 -19.58
CA ARG A 137 4.91 -6.29 -21.00
C ARG A 137 5.22 -7.72 -21.40
N CYS A 138 4.65 -8.16 -22.51
CA CYS A 138 4.86 -9.52 -23.01
C CYS A 138 5.90 -9.54 -24.13
N SER A 139 6.48 -8.38 -24.40
CA SER A 139 7.50 -8.25 -25.43
C SER A 139 8.89 -8.09 -24.82
N ALA A 140 9.77 -9.02 -25.14
CA ALA A 140 11.16 -8.93 -24.69
C ALA A 140 11.93 -7.88 -25.50
N ARG A 141 11.24 -7.28 -26.47
CA ARG A 141 11.81 -6.24 -27.31
C ARG A 141 12.35 -5.08 -26.47
N GLU A 142 13.37 -4.41 -26.99
CA GLU A 142 13.98 -3.28 -26.30
C GLU A 142 13.23 -1.98 -26.60
N ILE A 143 12.63 -1.41 -25.56
CA ILE A 143 11.97 -0.11 -25.65
C ILE A 143 12.88 0.93 -24.97
N PRO A 144 13.68 1.66 -25.75
CA PRO A 144 14.62 2.61 -25.13
C PRO A 144 13.93 3.85 -24.57
N ILE A 145 14.07 4.07 -23.27
CA ILE A 145 13.57 5.28 -22.64
C ILE A 145 14.46 5.61 -21.44
N LEU A 146 14.73 6.90 -21.25
CA LEU A 146 15.63 7.34 -20.18
C LEU A 146 15.18 6.80 -18.83
N SER A 147 16.10 6.15 -18.12
CA SER A 147 15.80 5.58 -16.82
C SER A 147 15.25 6.64 -15.87
N ASP A 148 15.91 7.79 -15.85
CA ASP A 148 15.54 8.87 -14.95
C ASP A 148 14.11 9.35 -15.22
N GLU A 149 13.69 9.30 -16.48
CA GLU A 149 12.33 9.69 -16.85
C GLU A 149 11.33 8.69 -16.30
N LEU A 150 11.63 7.41 -16.47
CA LEU A 150 10.72 6.35 -16.06
C LEU A 150 10.48 6.40 -14.55
N GLN A 151 11.56 6.51 -13.79
CA GLN A 151 11.49 6.52 -12.33
C GLN A 151 10.57 7.61 -11.81
N LEU A 152 10.77 8.84 -12.27
CA LEU A 152 10.02 9.98 -11.76
C LEU A 152 8.55 9.93 -12.17
N LYS A 153 8.27 9.42 -13.36
CA LYS A 153 6.89 9.27 -13.79
C LYS A 153 6.17 8.28 -12.88
N MSE A 154 6.80 7.14 -12.64
CA MSE A 154 6.21 6.11 -11.78
C MSE A 154 6.19 6.55 -10.33
O MSE A 154 5.28 6.20 -9.57
CB MSE A 154 6.98 4.80 -11.92
CG MSE A 154 6.86 4.17 -13.29
SE MSE A 154 7.58 2.36 -13.35
CE MSE A 154 6.30 1.48 -12.15
H MSE A 154 7.56 6.92 -12.96
HA MSE A 154 5.29 5.95 -12.08
HB2 MSE A 154 7.92 4.96 -11.75
HB3 MSE A 154 6.63 4.17 -11.27
HG2 MSE A 154 5.93 4.13 -13.55
HG3 MSE A 154 7.36 4.71 -13.93
HE1 MSE A 154 6.53 0.54 -12.08
HE2 MSE A 154 6.35 1.89 -11.28
HE3 MSE A 154 5.41 1.57 -12.52
N GLN A 155 7.20 7.32 -9.93
CA GLN A 155 7.28 7.87 -8.59
C GLN A 155 6.02 8.67 -8.29
N LEU A 156 5.52 9.37 -9.30
CA LEU A 156 4.32 10.18 -9.18
C LEU A 156 3.05 9.33 -9.30
N LEU A 157 3.07 8.40 -10.26
CA LEU A 157 1.90 7.56 -10.53
C LEU A 157 1.49 6.72 -9.33
N VAL A 158 2.45 6.05 -8.71
CA VAL A 158 2.15 5.17 -7.58
C VAL A 158 1.59 5.98 -6.41
N ARG A 159 2.12 7.18 -6.24
CA ARG A 159 1.69 8.04 -5.14
C ARG A 159 0.26 8.53 -5.35
N GLU A 160 0.07 9.33 -6.40
CA GLU A 160 -1.20 10.00 -6.62
C GLU A 160 -2.37 9.05 -6.83
N SER A 161 -2.09 7.84 -7.33
CA SER A 161 -3.14 6.86 -7.56
C SER A 161 -3.63 6.28 -6.23
N LEU A 162 -2.69 5.99 -5.33
CA LEU A 162 -3.04 5.43 -4.03
C LEU A 162 -3.61 6.50 -3.11
N MSE A 163 -3.11 7.73 -3.24
CA MSE A 163 -3.62 8.85 -2.47
C MSE A 163 -5.06 9.13 -2.88
O MSE A 163 -5.89 9.50 -2.06
CB MSE A 163 -2.76 10.09 -2.66
CG MSE A 163 -1.37 9.97 -2.03
SE MSE A 163 -1.41 9.84 -0.08
CE MSE A 163 -0.65 11.59 0.34
H MSE A 163 -2.46 7.94 -3.78
HA MSE A 163 -3.60 8.61 -1.53
HB2 MSE A 163 -2.63 10.25 -3.62
HB3 MSE A 163 -3.20 10.85 -2.26
HG2 MSE A 163 -0.94 9.17 -2.37
HG3 MSE A 163 -0.85 10.76 -2.26
HE1 MSE A 163 -0.61 11.69 1.31
HE2 MSE A 163 0.23 11.66 -0.04
HE3 MSE A 163 -1.22 12.28 -0.03
N ALA A 164 -5.35 8.91 -4.16
CA ALA A 164 -6.71 9.07 -4.65
C ALA A 164 -7.61 8.01 -4.02
N LEU A 165 -7.20 6.75 -4.13
CA LEU A 165 -7.98 5.64 -3.61
C LEU A 165 -8.25 5.77 -2.11
N MSE A 166 -7.38 6.50 -1.41
CA MSE A 166 -7.59 6.74 0.01
C MSE A 166 -8.64 7.82 0.23
O MSE A 166 -9.48 7.71 1.12
CB MSE A 166 -6.28 7.16 0.68
CG MSE A 166 -5.32 6.02 0.91
SE MSE A 166 -4.19 6.30 2.48
CE MSE A 166 -3.58 8.10 2.07
H MSE A 166 -6.68 6.86 -1.74
HA MSE A 166 -7.88 5.92 0.43
HB2 MSE A 166 -5.84 7.81 0.13
HB3 MSE A 166 -6.49 7.55 1.55
HG2 MSE A 166 -5.82 5.20 1.05
HG3 MSE A 166 -4.73 5.93 0.14
HE1 MSE A 166 -2.99 8.41 2.77
HE2 MSE A 166 -3.10 8.08 1.22
HE3 MSE A 166 -4.35 8.69 2.01
N ARG A 167 -8.59 8.86 -0.59
CA ARG A 167 -9.61 9.90 -0.54
C ARG A 167 -10.99 9.34 -0.86
N LEU A 168 -11.01 8.21 -1.57
CA LEU A 168 -12.26 7.56 -1.95
C LEU A 168 -12.62 6.40 -1.03
N ASN A 169 -11.79 6.17 -0.01
CA ASN A 169 -12.02 5.11 0.96
C ASN A 169 -12.18 3.75 0.30
N ASP A 170 -11.26 3.40 -0.59
CA ASP A 170 -11.34 2.12 -1.28
C ASP A 170 -10.83 0.99 -0.39
N GLU A 171 -11.41 -0.19 -0.55
CA GLU A 171 -11.08 -1.33 0.30
C GLU A 171 -9.64 -1.81 0.09
N ILE A 172 -9.06 -1.46 -1.05
CA ILE A 172 -7.71 -1.90 -1.39
C ILE A 172 -6.64 -1.24 -0.52
N VAL A 173 -6.91 -0.01 -0.11
CA VAL A 173 -5.91 0.81 0.58
C VAL A 173 -6.30 1.08 2.03
N MSE A 174 -7.61 1.13 2.30
CA MSE A 174 -8.11 1.45 3.63
C MSE A 174 -7.76 0.38 4.66
O MSE A 174 -8.10 -0.79 4.50
CB MSE A 174 -9.62 1.64 3.59
CG MSE A 174 -10.07 2.97 2.99
SE MSE A 174 -9.65 4.49 4.15
CE MSE A 174 -7.95 5.04 3.37
H MSE A 174 -8.22 0.99 1.72
HA MSE A 174 -7.71 2.29 3.91
HB2 MSE A 174 -10.01 0.94 3.06
HB3 MSE A 174 -9.97 1.60 4.49
HG2 MSE A 174 -9.62 3.10 2.15
HG3 MSE A 174 -11.03 2.96 2.87
HE1 MSE A 174 -7.61 5.81 3.85
HE2 MSE A 174 -7.32 4.30 3.44
HE3 MSE A 174 -8.09 5.28 2.44
N THR A 175 -7.09 0.81 5.72
CA THR A 175 -6.84 -0.05 6.88
C THR A 175 -8.15 -0.27 7.62
N PRO A 176 -8.18 -1.28 8.50
CA PRO A 176 -9.37 -1.48 9.34
C PRO A 176 -9.77 -0.18 10.06
N GLU A 177 -11.01 0.24 9.90
CA GLU A 177 -11.45 1.51 10.49
C GLU A 177 -11.61 1.39 11.99
N MSE A 178 -11.29 2.48 12.69
CA MSE A 178 -11.53 2.57 14.12
C MSE A 178 -11.87 4.02 14.45
O MSE A 178 -11.01 4.83 14.76
CB MSE A 178 -10.31 2.10 14.92
CG MSE A 178 -9.00 2.00 14.15
SE MSE A 178 -7.56 1.15 15.18
CE MSE A 178 -6.15 1.32 13.85
H MSE A 178 -10.92 3.18 12.35
HA MSE A 178 -12.28 2.00 14.35
HB2 MSE A 178 -10.17 2.71 15.66
HB3 MSE A 178 -10.50 1.21 15.28
HG2 MSE A 178 -9.14 1.48 13.35
HG3 MSE A 178 -8.70 2.89 13.92
HE1 MSE A 178 -5.34 0.93 14.21
HE2 MSE A 178 -6.42 0.85 13.05
HE3 MSE A 178 -6.01 2.26 13.66
N ASN A 179 -13.17 4.32 14.37
CA ASN A 179 -13.66 5.66 14.66
C ASN A 179 -13.69 5.91 16.15
N PHE A 180 -12.57 6.38 16.70
CA PHE A 180 -12.45 6.64 18.14
C PHE A 180 -12.52 8.13 18.43
N SER A 181 -13.06 8.46 19.59
CA SER A 181 -13.17 9.85 20.02
C SER A 181 -11.81 10.39 20.45
N LYS A 182 -11.76 11.65 20.84
CA LYS A 182 -10.51 12.27 21.26
C LYS A 182 -10.09 11.75 22.63
N ARG A 183 -11.08 11.49 23.49
CA ARG A 183 -10.80 10.97 24.82
C ARG A 183 -10.38 9.51 24.74
N GLU A 184 -11.05 8.75 23.88
CA GLU A 184 -10.72 7.34 23.68
C GLU A 184 -9.27 7.18 23.22
N LYS A 185 -8.86 8.03 22.29
CA LYS A 185 -7.49 8.01 21.78
C LYS A 185 -6.51 8.49 22.85
N GLU A 186 -6.93 9.47 23.64
CA GLU A 186 -6.11 9.96 24.73
C GLU A 186 -5.79 8.84 25.70
N ILE A 187 -6.81 8.03 26.02
CA ILE A 187 -6.64 6.89 26.91
C ILE A 187 -5.71 5.87 26.27
N LEU A 188 -5.82 5.69 24.96
CA LEU A 188 -5.06 4.67 24.27
C LEU A 188 -3.58 5.06 24.13
N ARG A 189 -3.30 6.35 24.11
CA ARG A 189 -1.92 6.86 24.12
C ARG A 189 -1.17 6.30 25.33
N TRP A 190 -1.74 6.49 26.51
CA TRP A 190 -1.12 6.04 27.74
C TRP A 190 -1.07 4.52 27.83
N THR A 191 -2.08 3.85 27.29
CA THR A 191 -2.11 2.40 27.28
C THR A 191 -0.88 1.84 26.58
N ALA A 192 -0.50 2.48 25.48
CA ALA A 192 0.65 2.05 24.70
C ALA A 192 1.95 2.42 25.39
N GLU A 193 1.91 3.44 26.25
CA GLU A 193 3.08 3.80 27.03
C GLU A 193 3.30 2.82 28.17
N GLY A 194 2.39 1.85 28.32
CA GLY A 194 2.52 0.81 29.32
C GLY A 194 1.83 1.17 30.63
N LYS A 195 1.10 2.28 30.64
CA LYS A 195 0.38 2.71 31.82
C LYS A 195 -0.82 1.80 32.08
N THR A 196 -1.04 1.47 33.35
CA THR A 196 -2.15 0.60 33.75
C THR A 196 -3.45 1.39 33.86
N SER A 197 -4.57 0.66 33.84
CA SER A 197 -5.88 1.27 33.95
C SER A 197 -5.97 2.14 35.20
N ALA A 198 -5.26 1.73 36.26
CA ALA A 198 -5.24 2.46 37.51
C ALA A 198 -4.51 3.79 37.38
N GLU A 199 -3.33 3.76 36.76
CA GLU A 199 -2.49 4.94 36.60
C GLU A 199 -3.13 5.98 35.68
N ILE A 200 -3.78 5.51 34.61
CA ILE A 200 -4.41 6.40 33.64
C ILE A 200 -5.53 7.20 34.29
N ALA A 201 -6.21 6.59 35.25
CA ALA A 201 -7.27 7.26 35.99
C ALA A 201 -6.71 8.46 36.75
N MSE A 202 -5.51 8.30 37.30
CA MSE A 202 -4.87 9.35 38.09
C MSE A 202 -4.50 10.55 37.22
O MSE A 202 -4.67 11.70 37.63
CB MSE A 202 -3.61 8.81 38.77
CG MSE A 202 -3.50 9.16 40.25
SE MSE A 202 -4.99 8.48 41.30
CE MSE A 202 -4.91 6.58 40.81
H MSE A 202 -5.04 7.58 37.24
HA MSE A 202 -5.48 9.64 38.78
HB2 MSE A 202 -3.62 7.84 38.71
HB3 MSE A 202 -2.84 9.16 38.32
HG2 MSE A 202 -2.67 8.77 40.60
HG3 MSE A 202 -3.47 10.12 40.34
HE1 MSE A 202 -5.62 6.11 41.28
HE2 MSE A 202 -5.03 6.51 39.85
HE3 MSE A 202 -4.04 6.23 41.07
N ILE A 203 -3.98 10.27 36.03
CA ILE A 203 -3.52 11.31 35.13
C ILE A 203 -4.70 12.12 34.58
N LEU A 204 -5.70 11.43 34.06
CA LEU A 204 -6.84 12.08 33.43
C LEU A 204 -7.87 12.59 34.44
N SER A 205 -7.66 12.26 35.71
CA SER A 205 -8.56 12.67 36.79
C SER A 205 -9.99 12.18 36.53
N ILE A 206 -10.15 10.87 36.40
CA ILE A 206 -11.46 10.25 36.21
C ILE A 206 -11.49 8.91 36.94
N SER A 207 -12.69 8.34 37.07
CA SER A 207 -12.85 7.07 37.76
C SER A 207 -12.08 5.97 37.04
N GLU A 208 -11.66 4.96 37.79
CA GLU A 208 -10.93 3.83 37.22
C GLU A 208 -11.87 2.94 36.42
N ASN A 209 -13.15 2.99 36.75
CA ASN A 209 -14.15 2.25 35.98
C ASN A 209 -14.47 2.94 34.67
N THR A 210 -14.38 4.27 34.66
CA THR A 210 -14.58 5.05 33.44
C THR A 210 -13.54 4.67 32.40
N VAL A 211 -12.30 4.48 32.84
CA VAL A 211 -11.21 4.09 31.94
C VAL A 211 -11.49 2.70 31.38
N ASN A 212 -11.91 1.79 32.25
CA ASN A 212 -12.16 0.40 31.85
C ASN A 212 -13.30 0.30 30.84
N PHE A 213 -14.26 1.22 30.93
CA PHE A 213 -15.39 1.23 30.02
C PHE A 213 -14.93 1.65 28.62
N HIS A 214 -14.24 2.77 28.55
CA HIS A 214 -13.66 3.25 27.29
C HIS A 214 -12.86 2.14 26.63
N GLN A 215 -12.06 1.44 27.44
CA GLN A 215 -11.21 0.36 26.97
C GLN A 215 -12.04 -0.76 26.35
N LYS A 216 -13.06 -1.22 27.08
CA LYS A 216 -13.94 -2.27 26.59
C LYS A 216 -14.78 -1.77 25.42
N ASN A 217 -15.08 -0.47 25.41
CA ASN A 217 -15.88 0.13 24.35
C ASN A 217 -15.13 0.11 23.02
N MSE A 218 -13.84 0.47 23.06
CA MSE A 218 -13.00 0.44 21.87
C MSE A 218 -12.84 -0.98 21.35
O MSE A 218 -12.85 -1.20 20.14
CB MSE A 218 -11.64 1.04 22.17
CG MSE A 218 -11.60 2.55 22.14
SE MSE A 218 -9.83 3.24 22.53
CE MSE A 218 -9.78 2.92 24.46
H MSE A 218 -13.44 0.73 23.77
HA MSE A 218 -13.43 0.98 21.18
HB2 MSE A 218 -11.35 0.75 23.05
HB3 MSE A 218 -11.00 0.72 21.51
HG2 MSE A 218 -11.85 2.87 21.26
HG3 MSE A 218 -12.22 2.89 22.81
HE1 MSE A 218 -8.93 3.22 24.81
HE2 MSE A 218 -10.50 3.41 24.88
HE3 MSE A 218 -9.88 1.97 24.62
N GLN A 219 -12.67 -1.93 22.27
CA GLN A 219 -12.53 -3.32 21.90
C GLN A 219 -13.76 -3.81 21.13
N LYS A 220 -14.93 -3.38 21.58
CA LYS A 220 -16.19 -3.78 20.98
C LYS A 220 -16.32 -3.28 19.54
N LYS A 221 -15.92 -2.03 19.32
CA LYS A 221 -16.02 -1.40 18.01
C LYS A 221 -15.27 -2.18 16.93
N ILE A 222 -14.01 -2.53 17.21
CA ILE A 222 -13.17 -3.22 16.24
C ILE A 222 -13.11 -4.73 16.50
N ASN A 223 -13.94 -5.20 17.43
CA ASN A 223 -14.01 -6.61 17.76
C ASN A 223 -12.65 -7.17 18.17
N ALA A 224 -12.15 -6.70 19.31
CA ALA A 224 -10.85 -7.13 19.82
C ALA A 224 -10.99 -7.75 21.21
N PRO A 225 -10.10 -8.70 21.55
CA PRO A 225 -10.20 -9.42 22.83
C PRO A 225 -9.67 -8.61 24.02
N ASN A 226 -8.65 -7.80 23.80
CA ASN A 226 -8.02 -7.04 24.87
C ASN A 226 -7.46 -5.70 24.37
N LYS A 227 -7.03 -4.87 25.31
CA LYS A 227 -6.55 -3.52 24.99
C LYS A 227 -5.24 -3.57 24.20
N THR A 228 -4.51 -4.67 24.32
CA THR A 228 -3.22 -4.81 23.66
C THR A 228 -3.39 -4.76 22.14
N GLN A 229 -4.40 -5.44 21.63
CA GLN A 229 -4.66 -5.44 20.19
C GLN A 229 -5.12 -4.06 19.73
N VAL A 230 -5.99 -3.44 20.51
CA VAL A 230 -6.52 -2.13 20.18
C VAL A 230 -5.37 -1.12 20.06
N ALA A 231 -4.51 -1.10 21.06
CA ALA A 231 -3.42 -0.14 21.12
C ALA A 231 -2.36 -0.42 20.03
N CYS A 232 -2.01 -1.68 19.84
CA CYS A 232 -0.99 -2.05 18.86
C CYS A 232 -1.45 -1.73 17.45
N TYR A 233 -2.70 -2.07 17.13
CA TYR A 233 -3.30 -1.71 15.85
C TYR A 233 -3.30 -0.20 15.68
N ALA A 234 -3.70 0.51 16.73
CA ALA A 234 -3.79 1.96 16.70
C ALA A 234 -2.41 2.59 16.50
N ALA A 235 -1.39 1.93 17.04
CA ALA A 235 -0.02 2.40 16.89
C ALA A 235 0.56 1.96 15.55
N ALA A 236 0.18 0.76 15.13
CA ALA A 236 0.69 0.17 13.89
C ALA A 236 0.25 0.95 12.65
N THR A 237 -0.88 1.66 12.76
CA THR A 237 -1.46 2.37 11.62
C THR A 237 -1.36 3.87 11.76
N GLY A 238 -0.81 4.32 12.89
CA GLY A 238 -0.66 5.73 13.16
C GLY A 238 -1.99 6.42 13.39
N LEU A 239 -2.74 5.91 14.37
CA LEU A 239 -3.99 6.53 14.78
C LEU A 239 -3.77 7.36 16.04
N ILE A 240 -2.82 6.92 16.85
CA ILE A 240 -2.46 7.62 18.08
C ILE A 240 -1.88 9.00 17.73
N HIS A 241 -1.44 9.15 16.49
CA HIS A 241 -0.77 10.37 16.03
C HIS A 241 -0.86 10.50 14.50
N HIS A 242 -0.32 11.60 13.97
CA HIS A 242 -0.24 11.81 12.52
C HIS A 242 -1.63 11.86 11.85
N HIS A 243 -1.72 11.36 10.61
CA HIS A 243 -2.91 11.55 9.78
C HIS A 243 -4.11 10.72 10.21
N HIS A 244 -5.24 10.93 9.52
CA HIS A 244 -6.46 10.18 9.75
C HIS A 244 -7.08 9.75 8.43
S SO4 B . 14.13 -13.59 -22.97
O1 SO4 B . 13.17 -12.70 -22.35
O2 SO4 B . 14.12 -13.38 -24.42
O3 SO4 B . 13.78 -14.98 -22.69
O4 SO4 B . 15.47 -13.31 -22.46
S SO4 C . -8.34 -5.49 28.99
O1 SO4 C . -9.01 -4.21 29.26
O2 SO4 C . -9.31 -6.58 29.14
O3 SO4 C . -7.25 -5.68 29.93
O4 SO4 C . -7.82 -5.49 27.64
C8 480 D . -0.39 -10.28 -6.45
C24 480 D . 5.92 -10.89 -11.54
C7 480 D . -1.30 -9.45 -7.29
C6 480 D . -1.97 -10.33 -8.29
C5 480 D . -0.94 -11.14 -9.00
C4 480 D . -0.07 -10.22 -9.76
C3 480 D . 1.28 -10.18 -9.13
C2 480 D . 1.51 -8.86 -8.49
C21 480 D . 4.49 -9.23 -10.45
C1 480 D . 2.82 -8.34 -8.97
C22 480 D . 5.75 -10.03 -10.35
O19 480 D . 2.86 -7.26 -9.53
O25 480 D . 6.72 -11.97 -11.22
O23 480 D . 5.73 -10.82 -9.21
O20 480 D . 3.79 -9.27 -9.26
C1 GOL E . 10.48 -12.75 -16.47
O1 GOL E . 11.86 -12.72 -16.65
C2 GOL E . 10.16 -12.20 -15.13
O2 GOL E . 10.70 -10.93 -15.02
C3 GOL E . 8.68 -12.12 -14.99
O3 GOL E . 8.36 -11.60 -13.75
H11 GOL E . 10.16 -13.66 -16.53
H12 GOL E . 10.06 -12.21 -17.16
HO1 GOL E . 12.12 -13.49 -16.98
H2 GOL E . 10.53 -12.77 -14.44
HO2 GOL E . 11.15 -10.87 -14.26
H31 GOL E . 8.31 -13.02 -15.05
H32 GOL E . 8.31 -11.56 -15.68
HO3 GOL E . 7.49 -11.64 -13.63
C1 GOL F . -1.76 -11.44 -3.16
O1 GOL F . -1.17 -12.17 -4.17
C2 GOL F . -2.71 -12.30 -2.41
O2 GOL F . -3.50 -13.01 -3.29
C3 GOL F . -1.94 -13.26 -1.59
O3 GOL F . -1.16 -14.02 -2.43
H11 GOL F . -2.21 -10.65 -3.50
H12 GOL F . -1.05 -11.16 -2.55
HO1 GOL F . -1.51 -11.92 -4.94
H2 GOL F . -3.28 -11.75 -1.83
HO2 GOL F . -3.79 -13.75 -2.89
H31 GOL F . -2.55 -13.84 -1.09
H32 GOL F . -1.37 -12.78 -0.96
HO3 GOL F . -1.68 -14.53 -2.93
#